data_7NMW
#
_entry.id   7NMW
#
_cell.length_a   82.496
_cell.length_b   111.935
_cell.length_c   62.644
_cell.angle_alpha   90.000
_cell.angle_beta   90.000
_cell.angle_gamma   90.000
#
_symmetry.space_group_name_H-M   'C 2 2 21'
#
loop_
_entity.id
_entity.type
_entity.pdbx_description
1 polymer '14-3-3 protein sigma'
2 polymer 'Amot-p130 phosphopeptide (pS175)'
3 non-polymer 5-(2-azanylethyl)-4-phenyl-thiophene-2-carboximidamide
4 non-polymer 'CHLORIDE ION'
5 water water
#
loop_
_entity_poly.entity_id
_entity_poly.type
_entity_poly.pdbx_seq_one_letter_code
_entity_poly.pdbx_strand_id
1 'polypeptide(L)'
;GAMGSMERASLIQKAKLAEQAERYEDMAAFMKGAVEKGEELS(CSO)EERNLLSVAYKNVVGGQRAAWRVLSSIEQKSNE
EGSEEKGPEVREYREKVETELQGVCDTVLGLLDSHLIKEAGDAESRVFYLKMKGDYYRYLAEVATGDDKKRIIDSARSAY
QEAMDISKKEMPPTNPIRLGLALNFSVFHYEIANSPEEAISLAKTTFDEAMADLHTLSEDSYKDSTLIMQLLRDNLTLWT
ADNAGEEGGEAPQEPQS
;
A
2 'polypeptide(L)' GHVRSL(SEP)ERLMQM P
#
# COMPACT_ATOMS: atom_id res chain seq x y z
N GLY A 1 19.08 -12.43 10.52
CA GLY A 1 19.10 -11.40 9.44
C GLY A 1 20.33 -10.54 9.59
N ALA A 2 20.75 -9.91 8.49
CA ALA A 2 21.96 -9.09 8.50
C ALA A 2 21.84 -7.87 9.40
N MET A 3 20.63 -7.50 9.82
CA MET A 3 20.48 -6.40 10.77
C MET A 3 20.39 -6.85 12.22
N GLY A 4 20.51 -8.15 12.48
CA GLY A 4 20.36 -8.66 13.83
C GLY A 4 21.33 -8.11 14.85
N SER A 5 22.50 -7.65 14.42
CA SER A 5 23.48 -7.12 15.33
C SER A 5 23.38 -5.63 15.55
N MET A 6 22.49 -4.93 14.85
CA MET A 6 22.35 -3.48 15.00
C MET A 6 21.22 -3.14 15.97
N GLU A 7 21.48 -2.15 16.82
CA GLU A 7 20.49 -1.66 17.76
C GLU A 7 19.23 -1.20 17.03
N ARG A 8 18.08 -1.45 17.66
CA ARG A 8 16.81 -0.97 17.13
C ARG A 8 16.87 0.54 16.85
N ALA A 9 17.34 1.34 17.81
CA ALA A 9 17.34 2.79 17.62
C ALA A 9 18.25 3.18 16.47
N SER A 10 19.35 2.46 16.28
CA SER A 10 20.27 2.76 15.19
C SER A 10 19.65 2.42 13.85
N LEU A 11 18.90 1.32 13.78
CA LEU A 11 18.18 0.99 12.56
C LEU A 11 17.19 2.07 12.19
N ILE A 12 16.45 2.59 13.18
CA ILE A 12 15.48 3.66 12.91
C ILE A 12 16.20 4.92 12.46
N GLN A 13 17.30 5.27 13.14
CA GLN A 13 18.08 6.44 12.74
C GLN A 13 18.55 6.30 11.30
N LYS A 14 19.07 5.13 10.94
CA LYS A 14 19.58 4.92 9.59
C LYS A 14 18.47 4.88 8.56
N ALA A 15 17.28 4.37 8.91
CA ALA A 15 16.16 4.44 7.98
C ALA A 15 15.83 5.88 7.64
N LYS A 16 15.89 6.77 8.63
CA LYS A 16 15.61 8.18 8.36
C LYS A 16 16.69 8.80 7.47
N LEU A 17 17.96 8.44 7.71
CA LEU A 17 19.05 8.90 6.84
C LEU A 17 18.87 8.39 5.41
N ALA A 18 18.51 7.11 5.28
CA ALA A 18 18.31 6.52 3.96
C ALA A 18 17.18 7.22 3.23
N GLU A 19 16.10 7.57 3.92
CA GLU A 19 15.03 8.33 3.30
C GLU A 19 15.55 9.67 2.75
N GLN A 20 16.34 10.37 3.56
CA GLN A 20 16.88 11.66 3.10
C GLN A 20 17.76 11.49 1.89
N ALA A 21 18.50 10.38 1.80
CA ALA A 21 19.40 10.08 0.70
C ALA A 21 18.70 9.38 -0.46
N GLU A 22 17.39 9.18 -0.37
CA GLU A 22 16.62 8.48 -1.40
C GLU A 22 17.15 7.07 -1.68
N ARG A 23 17.57 6.41 -0.62
CA ARG A 23 18.09 5.05 -0.68
C ARG A 23 17.05 4.12 -0.08
N TYR A 24 15.99 3.88 -0.86
CA TYR A 24 14.81 3.23 -0.30
C TYR A 24 15.00 1.73 -0.08
N GLU A 25 15.82 1.06 -0.88
CA GLU A 25 16.13 -0.34 -0.59
C GLU A 25 16.84 -0.45 0.76
N ASP A 26 17.82 0.42 1.03
CA ASP A 26 18.46 0.43 2.34
C ASP A 26 17.42 0.74 3.42
N MET A 27 16.58 1.73 3.17
CA MET A 27 15.57 2.12 4.15
C MET A 27 14.69 0.93 4.51
N ALA A 28 14.25 0.16 3.52
CA ALA A 28 13.40 -1.00 3.77
C ALA A 28 14.15 -2.06 4.56
N ALA A 29 15.41 -2.32 4.21
CA ALA A 29 16.20 -3.29 4.97
C ALA A 29 16.35 -2.86 6.43
N PHE A 30 16.59 -1.57 6.68
CA PHE A 30 16.71 -1.10 8.06
C PHE A 30 15.40 -1.28 8.80
N MET A 31 14.27 -0.93 8.15
CA MET A 31 12.99 -1.06 8.83
C MET A 31 12.58 -2.51 9.03
N LYS A 32 12.90 -3.40 8.09
CA LYS A 32 12.70 -4.83 8.33
C LYS A 32 13.48 -5.28 9.56
N GLY A 33 14.74 -4.88 9.65
CA GLY A 33 15.51 -5.21 10.84
C GLY A 33 14.86 -4.68 12.10
N ALA A 34 14.34 -3.45 12.06
CA ALA A 34 13.66 -2.90 13.23
C ALA A 34 12.44 -3.71 13.61
N VAL A 35 11.60 -4.06 12.63
CA VAL A 35 10.43 -4.89 12.93
C VAL A 35 10.85 -6.20 13.57
N GLU A 36 11.92 -6.81 13.05
CA GLU A 36 12.34 -8.12 13.53
C GLU A 36 12.89 -8.09 14.95
N LYS A 37 13.10 -6.91 15.53
CA LYS A 37 13.43 -6.84 16.95
C LYS A 37 12.28 -7.31 17.82
N GLY A 38 11.06 -7.34 17.30
CA GLY A 38 9.94 -7.90 18.01
C GLY A 38 9.09 -6.93 18.79
N GLU A 39 9.48 -5.67 18.90
CA GLU A 39 8.69 -4.67 19.59
C GLU A 39 7.67 -4.08 18.62
N GLU A 40 6.56 -3.60 19.16
CA GLU A 40 5.59 -2.88 18.34
C GLU A 40 6.23 -1.58 17.80
N LEU A 41 5.63 -1.06 16.74
CA LEU A 41 6.13 0.16 16.09
C LEU A 41 5.27 1.36 16.48
N SER A 42 5.92 2.49 16.69
CA SER A 42 5.23 3.74 16.90
C SER A 42 4.62 4.25 15.60
N GLU A 44 5.33 6.97 13.92
CA GLU A 44 6.40 7.42 13.04
C GLU A 44 7.11 6.22 12.41
N GLU A 45 7.36 5.19 13.22
CA GLU A 45 8.05 4.00 12.70
C GLU A 45 7.20 3.25 11.68
N ARG A 46 5.89 3.15 11.91
CA ARG A 46 5.02 2.52 10.91
C ARG A 46 5.10 3.28 9.60
N ASN A 47 5.11 4.61 9.65
CA ASN A 47 5.21 5.38 8.43
C ASN A 47 6.56 5.20 7.74
N LEU A 48 7.65 5.06 8.49
CA LEU A 48 8.92 4.77 7.85
C LEU A 48 8.89 3.43 7.13
N LEU A 49 8.31 2.43 7.77
CA LEU A 49 8.19 1.11 7.14
C LEU A 49 7.40 1.22 5.84
N SER A 50 6.27 1.93 5.87
CA SER A 50 5.43 2.04 4.69
C SER A 50 6.12 2.83 3.58
N VAL A 51 6.73 3.95 3.91
CA VAL A 51 7.44 4.76 2.91
C VAL A 51 8.51 3.92 2.22
N ALA A 52 9.27 3.16 2.99
CA ALA A 52 10.39 2.43 2.42
C ALA A 52 9.88 1.42 1.40
N TYR A 53 8.94 0.56 1.81
CA TYR A 53 8.46 -0.49 0.91
C TYR A 53 7.62 0.08 -0.22
N LYS A 54 6.88 1.16 0.00
CA LYS A 54 6.09 1.73 -1.09
C LYS A 54 7.00 2.22 -2.20
N ASN A 55 8.13 2.81 -1.85
CA ASN A 55 9.07 3.29 -2.86
C ASN A 55 9.73 2.12 -3.57
N VAL A 56 10.13 1.08 -2.83
CA VAL A 56 10.76 -0.07 -3.49
C VAL A 56 9.77 -0.73 -4.44
N VAL A 57 8.59 -1.08 -3.96
CA VAL A 57 7.65 -1.78 -4.83
C VAL A 57 7.16 -0.85 -5.91
N GLY A 58 7.13 0.46 -5.66
CA GLY A 58 6.67 1.37 -6.69
C GLY A 58 7.59 1.40 -7.89
N GLY A 59 8.90 1.35 -7.66
CA GLY A 59 9.82 1.24 -8.76
C GLY A 59 9.66 -0.07 -9.51
N GLN A 60 9.44 -1.16 -8.78
CA GLN A 60 9.25 -2.46 -9.42
C GLN A 60 7.98 -2.48 -10.27
N ARG A 61 6.90 -1.90 -9.75
CA ARG A 61 5.64 -1.89 -10.49
C ARG A 61 5.77 -1.07 -11.75
N ALA A 62 6.46 0.08 -11.67
CA ALA A 62 6.64 0.91 -12.85
C ALA A 62 7.46 0.16 -13.89
N ALA A 63 8.49 -0.55 -13.46
CA ALA A 63 9.31 -1.30 -14.42
C ALA A 63 8.52 -2.46 -15.01
N TRP A 64 7.77 -3.19 -14.18
CA TRP A 64 6.95 -4.29 -14.66
C TRP A 64 5.96 -3.81 -15.71
N ARG A 65 5.36 -2.64 -15.50
CA ARG A 65 4.39 -2.13 -16.47
C ARG A 65 5.05 -1.82 -17.80
N VAL A 66 6.26 -1.25 -17.79
CA VAL A 66 6.97 -0.97 -19.03
C VAL A 66 7.23 -2.28 -19.77
N LEU A 67 7.73 -3.29 -19.05
CA LEU A 67 8.08 -4.56 -19.66
C LEU A 67 6.85 -5.32 -20.13
N SER A 68 5.78 -5.30 -19.34
CA SER A 68 4.55 -5.99 -19.74
C SER A 68 4.00 -5.37 -21.03
N SER A 69 4.08 -4.06 -21.16
CA SER A 69 3.61 -3.39 -22.37
C SER A 69 4.42 -3.81 -23.59
N ILE A 70 5.74 -3.86 -23.46
CA ILE A 70 6.59 -4.32 -24.55
C ILE A 70 6.25 -5.75 -24.91
N GLU A 71 6.03 -6.59 -23.90
CA GLU A 71 5.71 -7.98 -24.14
C GLU A 71 4.39 -8.12 -24.88
N GLN A 72 3.39 -7.35 -24.47
CA GLN A 72 2.08 -7.46 -25.12
C GLN A 72 2.15 -7.00 -26.56
N LYS A 73 2.98 -5.99 -26.86
CA LYS A 73 3.14 -5.56 -28.25
C LYS A 73 3.83 -6.65 -29.08
N SER A 74 4.80 -7.34 -28.49
CA SER A 74 5.49 -8.40 -29.22
C SER A 74 4.57 -9.54 -29.59
N ASN A 75 3.45 -9.69 -28.89
CA ASN A 75 2.53 -10.80 -29.11
C ASN A 75 1.32 -10.39 -29.96
N GLU A 76 1.45 -9.32 -30.74
CA GLU A 76 0.37 -8.89 -31.61
C GLU A 76 0.50 -9.53 -32.99
N GLU A 80 6.99 -9.17 -35.02
CA GLU A 80 8.25 -9.86 -35.33
C GLU A 80 8.75 -10.62 -34.11
N GLU A 81 9.14 -11.89 -34.32
CA GLU A 81 9.54 -12.76 -33.22
C GLU A 81 10.96 -12.41 -32.78
N LYS A 82 11.11 -12.09 -31.48
CA LYS A 82 12.40 -11.65 -30.96
C LYS A 82 12.96 -12.58 -29.89
N GLY A 83 12.36 -13.75 -29.71
CA GLY A 83 12.88 -14.71 -28.76
C GLY A 83 12.31 -14.53 -27.37
N PRO A 84 12.88 -15.25 -26.41
CA PRO A 84 12.30 -15.34 -25.07
C PRO A 84 12.71 -14.21 -24.12
N GLU A 85 13.52 -13.25 -24.56
CA GLU A 85 14.18 -12.34 -23.64
C GLU A 85 13.20 -11.39 -22.96
N VAL A 86 12.21 -10.86 -23.69
CA VAL A 86 11.27 -9.93 -23.07
C VAL A 86 10.50 -10.63 -21.96
N ARG A 87 9.98 -11.82 -22.26
CA ARG A 87 9.27 -12.59 -21.25
C ARG A 87 10.19 -12.91 -20.06
N GLU A 88 11.41 -13.37 -20.34
CA GLU A 88 12.31 -13.72 -19.26
C GLU A 88 12.56 -12.52 -18.34
N TYR A 89 12.79 -11.35 -18.93
CA TYR A 89 13.14 -10.20 -18.10
C TYR A 89 11.92 -9.65 -17.36
N ARG A 90 10.74 -9.66 -18.01
CA ARG A 90 9.51 -9.33 -17.28
C ARG A 90 9.32 -10.28 -16.12
N GLU A 91 9.54 -11.58 -16.33
CA GLU A 91 9.44 -12.55 -15.25
C GLU A 91 10.43 -12.27 -14.14
N LYS A 92 11.64 -11.83 -14.49
CA LYS A 92 12.65 -11.54 -13.48
C LYS A 92 12.17 -10.42 -12.56
N VAL A 93 11.73 -9.32 -13.16
CA VAL A 93 11.22 -8.19 -12.39
C VAL A 93 10.00 -8.61 -11.60
N GLU A 94 9.09 -9.36 -12.22
CA GLU A 94 7.89 -9.84 -11.54
C GLU A 94 8.24 -10.64 -10.30
N THR A 95 9.21 -11.56 -10.43
CA THR A 95 9.58 -12.40 -9.30
C THR A 95 10.16 -11.56 -8.17
N GLU A 96 10.96 -10.54 -8.50
CA GLU A 96 11.52 -9.67 -7.49
C GLU A 96 10.41 -8.89 -6.78
N LEU A 97 9.48 -8.37 -7.55
CA LEU A 97 8.32 -7.67 -7.00
C LEU A 97 7.52 -8.58 -6.07
N GLN A 98 7.24 -9.80 -6.50
CA GLN A 98 6.52 -10.74 -5.65
C GLN A 98 7.29 -11.01 -4.38
N GLY A 99 8.62 -11.07 -4.48
CA GLY A 99 9.42 -11.30 -3.28
C GLY A 99 9.31 -10.18 -2.27
N VAL A 100 9.31 -8.93 -2.73
CA VAL A 100 9.13 -7.79 -1.84
C VAL A 100 7.76 -7.86 -1.19
N CYS A 101 6.72 -8.13 -1.97
CA CYS A 101 5.38 -8.21 -1.40
C CYS A 101 5.29 -9.30 -0.35
N ASP A 102 5.86 -10.48 -0.64
CA ASP A 102 5.86 -11.56 0.32
C ASP A 102 6.62 -11.18 1.59
N THR A 103 7.72 -10.44 1.44
CA THR A 103 8.46 -9.99 2.63
C THR A 103 7.59 -9.11 3.50
N VAL A 104 6.91 -8.13 2.91
CA VAL A 104 6.07 -7.23 3.69
C VAL A 104 4.94 -8.03 4.35
N LEU A 105 4.28 -8.88 3.56
CA LEU A 105 3.18 -9.69 4.11
C LEU A 105 3.68 -10.56 5.23
N GLY A 106 4.92 -11.05 5.12
CA GLY A 106 5.49 -11.85 6.18
C GLY A 106 5.71 -11.08 7.46
N LEU A 107 6.15 -9.82 7.36
CA LEU A 107 6.31 -9.00 8.55
C LEU A 107 4.97 -8.73 9.19
N LEU A 108 3.95 -8.46 8.38
CA LEU A 108 2.62 -8.22 8.92
C LEU A 108 2.10 -9.45 9.64
N ASP A 109 2.37 -10.63 9.10
CA ASP A 109 1.86 -11.86 9.68
C ASP A 109 2.71 -12.34 10.85
N SER A 110 3.96 -11.89 10.96
CA SER A 110 4.88 -12.39 11.98
C SER A 110 5.69 -11.20 12.49
N HIS A 111 5.11 -10.37 13.37
CA HIS A 111 3.83 -10.58 14.06
C HIS A 111 3.14 -9.25 14.26
N LEU A 112 3.26 -8.34 13.28
CA LEU A 112 2.78 -6.98 13.49
C LEU A 112 1.28 -6.92 13.72
N ILE A 113 0.49 -7.61 12.89
CA ILE A 113 -0.96 -7.48 12.99
C ILE A 113 -1.46 -8.06 14.32
N LYS A 114 -0.99 -9.25 14.69
CA LYS A 114 -1.55 -9.89 15.87
C LYS A 114 -1.28 -9.11 17.15
N GLU A 115 -0.23 -8.28 17.18
CA GLU A 115 0.06 -7.48 18.36
C GLU A 115 -0.56 -6.09 18.31
N ALA A 116 -1.22 -5.74 17.20
CA ALA A 116 -1.77 -4.39 17.02
C ALA A 116 -3.19 -4.34 17.55
N GLY A 117 -3.37 -3.66 18.67
CA GLY A 117 -4.67 -3.56 19.31
C GLY A 117 -5.36 -2.23 19.14
N ASP A 118 -4.60 -1.15 19.02
CA ASP A 118 -5.23 0.14 18.83
C ASP A 118 -5.70 0.29 17.38
N ALA A 119 -6.79 1.04 17.19
CA ALA A 119 -7.30 1.20 15.84
C ALA A 119 -6.25 1.76 14.87
N GLU A 120 -5.48 2.76 15.30
CA GLU A 120 -4.55 3.41 14.38
C GLU A 120 -3.52 2.42 13.88
N SER A 121 -3.04 1.54 14.75
CA SER A 121 -2.04 0.59 14.27
C SER A 121 -2.68 -0.57 13.50
N ARG A 122 -3.78 -1.12 14.02
CA ARG A 122 -4.41 -2.26 13.38
C ARG A 122 -4.93 -1.92 11.99
N VAL A 123 -5.62 -0.77 11.86
CA VAL A 123 -6.09 -0.34 10.55
C VAL A 123 -4.92 -0.12 9.59
N PHE A 124 -3.85 0.53 10.08
CA PHE A 124 -2.68 0.76 9.23
C PHE A 124 -2.14 -0.54 8.67
N TYR A 125 -1.98 -1.55 9.52
CA TYR A 125 -1.37 -2.81 9.07
C TYR A 125 -2.31 -3.60 8.17
N LEU A 126 -3.60 -3.63 8.48
CA LEU A 126 -4.55 -4.33 7.61
C LEU A 126 -4.65 -3.65 6.25
N LYS A 127 -4.60 -2.32 6.23
CA LYS A 127 -4.54 -1.62 4.94
C LYS A 127 -3.29 -2.02 4.16
N MET A 128 -2.15 -2.07 4.84
CA MET A 128 -0.91 -2.48 4.17
C MET A 128 -1.06 -3.89 3.62
N LYS A 129 -1.68 -4.79 4.37
CA LYS A 129 -1.90 -6.14 3.89
C LYS A 129 -2.75 -6.14 2.62
N GLY A 130 -3.82 -5.33 2.60
CA GLY A 130 -4.60 -5.18 1.39
C GLY A 130 -3.78 -4.64 0.23
N ASP A 131 -2.96 -3.63 0.50
CA ASP A 131 -2.15 -3.00 -0.53
C ASP A 131 -1.18 -4.01 -1.17
N TYR A 132 -0.48 -4.80 -0.34
CA TYR A 132 0.53 -5.70 -0.91
C TYR A 132 -0.09 -6.90 -1.60
N TYR A 133 -1.25 -7.39 -1.12
CA TYR A 133 -1.99 -8.35 -1.94
C TYR A 133 -2.48 -7.72 -3.22
N ARG A 134 -2.87 -6.44 -3.20
CA ARG A 134 -3.27 -5.77 -4.43
C ARG A 134 -2.12 -5.72 -5.42
N TYR A 135 -0.91 -5.41 -4.96
CA TYR A 135 0.24 -5.41 -5.87
C TYR A 135 0.50 -6.81 -6.42
N LEU A 136 0.36 -7.84 -5.59
CA LEU A 136 0.45 -9.21 -6.11
C LEU A 136 -0.63 -9.46 -7.17
N ALA A 137 -1.85 -8.96 -6.94
CA ALA A 137 -2.94 -9.19 -7.89
C ALA A 137 -2.65 -8.54 -9.23
N GLU A 138 -1.96 -7.39 -9.24
CA GLU A 138 -1.69 -6.69 -10.48
C GLU A 138 -0.90 -7.55 -11.46
N VAL A 139 -0.09 -8.49 -10.96
CA VAL A 139 0.77 -9.32 -11.81
C VAL A 139 0.31 -10.76 -11.87
N ALA A 140 -0.78 -11.11 -11.18
CA ALA A 140 -1.22 -12.48 -11.10
C ALA A 140 -2.06 -12.85 -12.32
N THR A 141 -1.97 -14.11 -12.73
CA THR A 141 -2.65 -14.59 -13.92
C THR A 141 -3.28 -15.97 -13.71
N ASP A 144 -4.54 -18.92 -8.89
CA ASP A 144 -3.89 -18.06 -7.90
C ASP A 144 -4.57 -16.69 -7.79
N LYS A 145 -4.86 -16.10 -8.94
CA LYS A 145 -5.30 -14.70 -8.99
C LYS A 145 -6.58 -14.48 -8.20
N LYS A 146 -7.53 -15.42 -8.26
CA LYS A 146 -8.78 -15.21 -7.52
C LYS A 146 -8.53 -15.20 -6.02
N ARG A 147 -7.67 -16.11 -5.54
CA ARG A 147 -7.41 -16.17 -4.12
C ARG A 147 -6.65 -14.93 -3.67
N ILE A 148 -5.74 -14.43 -4.50
CA ILE A 148 -4.99 -13.22 -4.15
C ILE A 148 -5.94 -12.05 -4.03
N ILE A 149 -6.86 -11.90 -4.99
CA ILE A 149 -7.84 -10.83 -4.96
C ILE A 149 -8.69 -10.93 -3.71
N ASP A 150 -9.12 -12.15 -3.34
CA ASP A 150 -9.95 -12.26 -2.17
CA ASP A 150 -9.93 -12.34 -2.15
C ASP A 150 -9.17 -11.94 -0.90
N SER A 151 -7.87 -12.24 -0.86
CA SER A 151 -7.07 -11.88 0.30
C SER A 151 -6.96 -10.37 0.45
N ALA A 152 -6.75 -9.67 -0.67
CA ALA A 152 -6.73 -8.20 -0.61
C ALA A 152 -8.07 -7.66 -0.12
N ARG A 153 -9.15 -8.14 -0.73
CA ARG A 153 -10.49 -7.68 -0.35
CA ARG A 153 -10.49 -7.70 -0.35
C ARG A 153 -10.74 -7.91 1.12
N SER A 154 -10.41 -9.10 1.64
CA SER A 154 -10.66 -9.44 3.02
C SER A 154 -9.90 -8.52 3.97
N ALA A 155 -8.63 -8.24 3.67
CA ALA A 155 -7.85 -7.35 4.52
C ALA A 155 -8.43 -5.94 4.52
N TYR A 156 -8.72 -5.41 3.32
CA TYR A 156 -9.31 -4.07 3.25
C TYR A 156 -10.63 -4.01 3.99
N GLN A 157 -11.46 -5.05 3.86
CA GLN A 157 -12.78 -5.05 4.48
C GLN A 157 -12.66 -5.04 6.00
N GLU A 158 -11.75 -5.86 6.56
CA GLU A 158 -11.53 -5.83 8.02
C GLU A 158 -11.05 -4.45 8.46
N ALA A 159 -10.13 -3.86 7.72
CA ALA A 159 -9.66 -2.52 8.05
C ALA A 159 -10.79 -1.50 7.98
N MET A 160 -11.66 -1.60 6.96
CA MET A 160 -12.77 -0.67 6.83
C MET A 160 -13.72 -0.79 8.01
N ASP A 161 -14.03 -2.03 8.42
CA ASP A 161 -14.97 -2.21 9.51
C ASP A 161 -14.46 -1.56 10.79
N ILE A 162 -13.16 -1.75 11.09
CA ILE A 162 -12.58 -1.13 12.28
C ILE A 162 -12.58 0.38 12.14
N SER A 163 -12.17 0.88 10.98
CA SER A 163 -12.01 2.32 10.79
C SER A 163 -13.34 3.05 10.95
N LYS A 164 -14.43 2.45 10.45
CA LYS A 164 -15.73 3.12 10.54
C LYS A 164 -16.24 3.14 11.96
N LYS A 165 -15.89 2.14 12.76
CA LYS A 165 -16.32 2.12 14.16
C LYS A 165 -15.45 3.00 15.06
N GLU A 166 -14.15 3.10 14.77
CA GLU A 166 -13.19 3.63 15.72
C GLU A 166 -12.54 4.96 15.34
N MET A 167 -12.72 5.43 14.11
CA MET A 167 -12.06 6.65 13.65
C MET A 167 -13.05 7.62 13.06
N PRO A 168 -12.79 8.92 13.18
CA PRO A 168 -13.65 9.91 12.52
C PRO A 168 -13.46 9.85 11.01
N PRO A 169 -14.44 10.34 10.24
CA PRO A 169 -14.36 10.20 8.78
C PRO A 169 -13.25 11.00 8.15
N THR A 170 -12.66 11.96 8.87
CA THR A 170 -11.53 12.73 8.34
C THR A 170 -10.18 12.13 8.71
N ASN A 171 -10.13 11.05 9.48
CA ASN A 171 -8.84 10.53 9.90
C ASN A 171 -8.02 10.15 8.68
N PRO A 172 -6.76 10.61 8.56
CA PRO A 172 -6.00 10.34 7.33
C PRO A 172 -5.78 8.87 7.01
N ILE A 173 -5.65 8.01 8.03
CA ILE A 173 -5.52 6.58 7.79
C ILE A 173 -6.83 6.05 7.20
N ARG A 174 -7.95 6.41 7.80
CA ARG A 174 -9.25 6.00 7.29
C ARG A 174 -9.44 6.47 5.86
N LEU A 175 -9.06 7.72 5.57
CA LEU A 175 -9.19 8.24 4.21
C LEU A 175 -8.30 7.49 3.22
N GLY A 176 -7.04 7.26 3.59
CA GLY A 176 -6.15 6.56 2.68
C GLY A 176 -6.55 5.13 2.45
N LEU A 177 -7.12 4.48 3.47
CA LEU A 177 -7.66 3.14 3.32
C LEU A 177 -8.82 3.14 2.33
N ALA A 178 -9.79 4.04 2.53
CA ALA A 178 -10.92 4.09 1.62
C ALA A 178 -10.47 4.40 0.19
N LEU A 179 -9.54 5.34 0.04
CA LEU A 179 -8.94 5.62 -1.27
C LEU A 179 -8.39 4.35 -1.91
N ASN A 180 -7.55 3.62 -1.18
CA ASN A 180 -6.91 2.45 -1.78
C ASN A 180 -7.90 1.32 -2.03
N PHE A 181 -8.91 1.16 -1.17
CA PHE A 181 -9.95 0.14 -1.42
C PHE A 181 -10.75 0.52 -2.64
N SER A 182 -11.00 1.81 -2.86
CA SER A 182 -11.69 2.24 -4.07
C SER A 182 -10.86 1.93 -5.31
N VAL A 183 -9.53 2.10 -5.23
CA VAL A 183 -8.64 1.72 -6.34
C VAL A 183 -8.69 0.21 -6.57
N PHE A 184 -8.65 -0.57 -5.50
CA PHE A 184 -8.85 -2.02 -5.61
C PHE A 184 -10.12 -2.34 -6.41
N HIS A 185 -11.25 -1.72 -6.05
CA HIS A 185 -12.50 -2.01 -6.74
C HIS A 185 -12.42 -1.67 -8.23
N TYR A 186 -11.82 -0.52 -8.57
CA TYR A 186 -11.81 -0.06 -9.95
C TYR A 186 -10.82 -0.84 -10.80
N GLU A 187 -9.59 -1.02 -10.29
CA GLU A 187 -8.48 -1.53 -11.08
C GLU A 187 -8.30 -3.03 -10.98
N ILE A 188 -8.72 -3.66 -9.88
CA ILE A 188 -8.50 -5.08 -9.63
C ILE A 188 -9.77 -5.89 -9.73
N ALA A 189 -10.83 -5.46 -9.04
CA ALA A 189 -12.02 -6.27 -8.86
C ALA A 189 -13.08 -6.05 -9.94
N ASN A 190 -12.81 -5.24 -10.95
CA ASN A 190 -13.76 -5.03 -12.05
C ASN A 190 -15.08 -4.50 -11.52
N SER A 191 -15.01 -3.64 -10.51
CA SER A 191 -16.20 -3.10 -9.82
C SER A 191 -16.13 -1.58 -9.82
N PRO A 192 -16.18 -0.95 -11.00
CA PRO A 192 -16.06 0.52 -11.03
C PRO A 192 -17.20 1.23 -10.30
N GLU A 193 -18.40 0.69 -10.31
CA GLU A 193 -19.49 1.34 -9.58
C GLU A 193 -19.23 1.34 -8.09
N GLU A 194 -18.73 0.22 -7.54
CA GLU A 194 -18.39 0.18 -6.12
C GLU A 194 -17.30 1.19 -5.80
N ALA A 195 -16.32 1.31 -6.68
CA ALA A 195 -15.23 2.26 -6.48
C ALA A 195 -15.76 3.69 -6.43
N ILE A 196 -16.62 4.05 -7.37
CA ILE A 196 -17.20 5.40 -7.41
C ILE A 196 -18.06 5.64 -6.16
N SER A 197 -18.89 4.67 -5.78
CA SER A 197 -19.75 4.84 -4.61
C SER A 197 -18.91 5.05 -3.35
N LEU A 198 -17.88 4.23 -3.19
CA LEU A 198 -17.03 4.36 -2.01
C LEU A 198 -16.32 5.70 -1.99
N ALA A 199 -15.77 6.13 -3.12
CA ALA A 199 -15.06 7.40 -3.12
C ALA A 199 -15.99 8.56 -2.80
N LYS A 200 -17.19 8.55 -3.38
CA LYS A 200 -18.15 9.62 -3.14
C LYS A 200 -18.58 9.66 -1.68
N THR A 201 -18.98 8.52 -1.12
CA THR A 201 -19.43 8.50 0.27
C THR A 201 -18.30 8.91 1.20
N THR A 202 -17.09 8.43 0.93
CA THR A 202 -15.96 8.80 1.77
C THR A 202 -15.72 10.30 1.72
N PHE A 203 -15.72 10.88 0.53
CA PHE A 203 -15.48 12.31 0.37
C PHE A 203 -16.53 13.12 1.09
N ASP A 204 -17.80 12.75 0.91
CA ASP A 204 -18.90 13.51 1.48
C ASP A 204 -18.91 13.44 3.01
N GLU A 205 -18.60 12.28 3.57
CA GLU A 205 -18.61 12.15 5.03
C GLU A 205 -17.42 12.89 5.64
N ALA A 206 -16.30 12.93 4.92
CA ALA A 206 -15.19 13.72 5.39
C ALA A 206 -15.49 15.21 5.33
N MET A 207 -16.06 15.67 4.21
CA MET A 207 -16.42 17.08 4.08
C MET A 207 -17.22 17.55 5.28
N ALA A 208 -18.22 16.77 5.69
CA ALA A 208 -19.09 17.13 6.78
C ALA A 208 -18.43 17.13 8.14
N ASP A 209 -17.23 16.56 8.27
CA ASP A 209 -16.51 16.51 9.54
C ASP A 209 -15.34 17.48 9.60
N LEU A 210 -15.06 18.20 8.50
CA LEU A 210 -13.90 19.10 8.48
C LEU A 210 -14.02 20.20 9.52
N HIS A 211 -15.25 20.60 9.86
CA HIS A 211 -15.45 21.72 10.78
C HIS A 211 -14.89 21.43 12.16
N THR A 212 -14.64 20.16 12.48
CA THR A 212 -14.14 19.78 13.80
C THR A 212 -12.63 19.89 13.93
N LEU A 213 -11.93 20.19 12.84
CA LEU A 213 -10.50 20.02 12.76
C LEU A 213 -9.74 21.33 12.95
N SER A 214 -8.53 21.21 13.46
CA SER A 214 -7.57 22.30 13.47
C SER A 214 -7.12 22.62 12.05
N GLU A 215 -6.42 23.74 11.91
CA GLU A 215 -5.88 24.11 10.60
C GLU A 215 -4.96 23.02 10.05
N ASP A 216 -4.10 22.46 10.90
CA ASP A 216 -3.14 21.48 10.40
C ASP A 216 -3.82 20.17 10.02
N SER A 217 -4.78 19.71 10.83
CA SER A 217 -5.51 18.50 10.50
C SER A 217 -6.39 18.71 9.27
N TYR A 218 -6.98 19.89 9.13
CA TYR A 218 -7.73 20.22 7.93
C TYR A 218 -6.87 20.05 6.70
N LYS A 219 -5.63 20.55 6.75
CA LYS A 219 -4.71 20.42 5.64
C LYS A 219 -4.43 18.95 5.35
N ASP A 220 -4.14 18.16 6.39
CA ASP A 220 -3.86 16.73 6.19
C ASP A 220 -5.04 16.02 5.52
N SER A 221 -6.26 16.26 6.01
CA SER A 221 -7.40 15.52 5.50
C SER A 221 -7.78 15.97 4.10
N THR A 222 -7.76 17.28 3.84
CA THR A 222 -8.17 17.74 2.52
C THR A 222 -7.18 17.30 1.45
N LEU A 223 -5.90 17.13 1.79
CA LEU A 223 -4.94 16.66 0.80
C LEU A 223 -5.35 15.29 0.26
N ILE A 224 -5.80 14.41 1.15
CA ILE A 224 -6.18 13.06 0.72
C ILE A 224 -7.53 13.09 0.04
N MET A 225 -8.45 13.92 0.54
CA MET A 225 -9.73 14.06 -0.13
C MET A 225 -9.58 14.47 -1.59
N GLN A 226 -8.57 15.28 -1.89
CA GLN A 226 -8.35 15.71 -3.26
C GLN A 226 -8.04 14.52 -4.18
N LEU A 227 -7.35 13.50 -3.65
CA LEU A 227 -7.10 12.30 -4.45
C LEU A 227 -8.40 11.55 -4.73
N LEU A 228 -9.31 11.47 -3.75
CA LEU A 228 -10.61 10.89 -4.03
C LEU A 228 -11.32 11.64 -5.15
N ARG A 229 -11.29 12.97 -5.08
CA ARG A 229 -11.93 13.81 -6.08
C ARG A 229 -11.27 13.62 -7.45
N ASP A 230 -9.94 13.56 -7.48
CA ASP A 230 -9.23 13.37 -8.74
C ASP A 230 -9.63 12.04 -9.39
N ASN A 231 -9.76 10.98 -8.59
CA ASN A 231 -10.18 9.70 -9.14
C ASN A 231 -11.61 9.78 -9.64
N LEU A 232 -12.51 10.40 -8.88
CA LEU A 232 -13.88 10.54 -9.34
C LEU A 232 -13.95 11.29 -10.67
N THR A 233 -13.09 12.27 -10.86
CA THR A 233 -13.06 12.98 -12.15
C THR A 233 -12.57 12.08 -13.28
N LEU A 234 -11.61 11.20 -13.00
CA LEU A 234 -11.15 10.25 -14.00
C LEU A 234 -12.18 9.16 -14.29
N TRP A 235 -12.97 8.77 -13.28
CA TRP A 235 -13.86 7.62 -13.39
C TRP A 235 -15.25 7.99 -13.89
N THR A 236 -15.58 9.28 -13.89
CA THR A 236 -16.89 9.76 -14.32
C THR A 236 -16.70 10.93 -15.27
N ARG B 4 -4.13 5.57 -15.04
CA ARG B 4 -4.23 4.78 -13.81
C ARG B 4 -4.80 5.60 -12.66
N SER B 5 -5.60 4.93 -11.84
CA SER B 5 -6.20 5.56 -10.68
C SER B 5 -5.12 5.95 -9.66
N LEU B 6 -5.41 7.01 -8.90
CA LEU B 6 -4.48 7.51 -7.90
C LEU B 6 -4.67 6.81 -6.57
N GLU B 8 -3.04 6.18 -2.39
CA GLU B 8 -2.60 7.00 -1.29
C GLU B 8 -1.13 7.36 -1.43
N ARG B 9 -0.81 8.62 -1.09
CA ARG B 9 0.54 9.13 -1.07
C ARG B 9 1.13 9.09 0.33
N LEU B 10 2.45 9.29 0.38
CA LEU B 10 3.23 9.18 1.61
C LEU B 10 3.22 10.48 2.39
#